data_4WTC
#
_entry.id   4WTC
#
_cell.length_a   141.340
_cell.length_b   141.340
_cell.length_c   90.800
_cell.angle_alpha   90.000
_cell.angle_beta   90.000
_cell.angle_gamma   120.000
#
_symmetry.space_group_name_H-M   'P 65'
#
loop_
_entity.id
_entity.type
_entity.pdbx_description
1 polymer 'RNA PRIMER TEMPLATE AGAAAUUU'
2 polymer 'RNA-directed RNA polymerase'
3 non-polymer 'MANGANESE (II) ION'
4 non-polymer 'CHLORIDE ION'
5 non-polymer "CYTIDINE-5'-DIPHOSPHATE"
6 water water
#
loop_
_entity_poly.entity_id
_entity_poly.type
_entity_poly.pdbx_seq_one_letter_code
_entity_poly.pdbx_strand_id
1 'polyribonucleotide' AGAAAUUU T,P
2 'polypeptide(L)'
;MSSMSYSWTGALITPCGPEEEKLPINPLSNSLLRYHNKVYCTTSKSASQRAKKVTFDRTQVLDAHYDSVLKDIKLAASKV
SARLLTLQQACQLTPPHSARSKYGFGAKEVRSLSGRAVNHIKSVWKDLLEDPQTPIPTTIMAKNEVFCVDPAKGGKKPAR
LIVYPDLGVRVCEKMALYDITQKLPQAVMGASYGFQYSPAQRVEYLLKAWAEKKDPMGFSYDTRHFDSTVTERDIRTEES
IYQACSLPEEARTAIHSLTERLYVGGPMFNSKGQTCGYRRCRASGVLTTSMGNTITCYVKALAACKAAGIVAPTMLVCGD
DLIVISESQGTEEDERNLRAFTEAMTRYSAPPGDPPRPEYDLELITSCSSNVSVALGPRGRRRYYLTRDPTTPLARAAWE
TVRHSPINSWLGNIIQYAPTIWVRMVLMTHFFSILMVQDTLDQNLGGVNPLDLPAIIERLHGLDAFSMHTYSHHELTRVA
SALRKLGAPPLRVWKSRARAVRASLISRGGKAAVCGRYLFNWAVKTKLKLTPLPEARLLDLSSWFTVGAGGGDIFHSVSR
ARPRLEHHHHHH
;
A
#
# COMPACT_ATOMS: atom_id res chain seq x y z
N SER C 2 -26.39 14.91 -1.37
CA SER C 2 -25.97 16.34 -1.47
C SER C 2 -24.77 16.57 -2.40
N SER C 3 -23.56 16.28 -1.91
CA SER C 3 -22.33 16.71 -2.57
C SER C 3 -21.84 15.75 -3.63
N MET C 4 -21.51 16.31 -4.79
CA MET C 4 -20.86 15.58 -5.87
C MET C 4 -19.38 15.47 -5.45
N SER C 5 -18.71 14.38 -5.81
CA SER C 5 -17.29 14.22 -5.48
C SER C 5 -16.42 15.05 -6.42
N TYR C 6 -16.85 15.21 -7.66
CA TYR C 6 -16.14 16.01 -8.64
C TYR C 6 -17.09 16.67 -9.66
N SER C 7 -16.62 17.79 -10.21
CA SER C 7 -17.21 18.42 -11.40
C SER C 7 -16.05 18.57 -12.37
N TRP C 8 -16.33 18.50 -13.66
CA TRP C 8 -15.26 18.53 -14.63
C TRP C 8 -15.50 19.58 -15.71
N THR C 9 -14.46 20.33 -16.04
CA THR C 9 -14.55 21.29 -17.09
C THR C 9 -14.63 20.60 -18.44
N GLY C 10 -14.07 19.41 -18.53
CA GLY C 10 -13.99 18.75 -19.82
C GLY C 10 -12.57 18.76 -20.35
N ALA C 11 -11.72 19.63 -19.82
CA ALA C 11 -10.32 19.61 -20.19
C ALA C 11 -9.70 18.23 -19.90
N LEU C 12 -8.81 17.77 -20.78
CA LEU C 12 -8.15 16.47 -20.59
C LEU C 12 -7.30 16.43 -19.32
N ILE C 13 -6.94 15.21 -18.93
CA ILE C 13 -5.93 15.00 -17.90
C ILE C 13 -4.64 14.60 -18.58
N THR C 14 -3.70 15.53 -18.64
CA THR C 14 -2.50 15.39 -19.46
C THR C 14 -1.43 14.52 -18.81
N PRO C 15 -0.46 14.04 -19.61
CA PRO C 15 0.73 13.36 -19.07
C PRO C 15 1.70 14.34 -18.41
N CYS C 16 2.43 13.91 -17.38
CA CYS C 16 3.38 14.80 -16.68
C CYS C 16 4.78 14.52 -17.23
N GLY C 17 4.86 14.33 -18.54
CA GLY C 17 6.00 13.67 -19.21
C GLY C 17 5.55 12.46 -20.05
N PRO C 18 6.49 11.80 -20.76
CA PRO C 18 6.15 10.69 -21.66
C PRO C 18 5.97 9.37 -20.92
N GLU C 19 5.04 8.56 -21.41
CA GLU C 19 4.72 7.24 -20.84
C GLU C 19 5.19 6.14 -21.80
N GLU C 20 6.28 5.45 -21.44
CA GLU C 20 6.93 4.50 -22.35
C GLU C 20 6.16 3.19 -22.47
N GLU C 21 6.41 2.48 -23.57
CA GLU C 21 5.82 1.18 -23.83
C GLU C 21 6.93 0.16 -23.96
N LYS C 22 6.59 -1.11 -23.74
CA LYS C 22 7.57 -2.19 -23.86
C LYS C 22 8.16 -2.19 -25.25
N LEU C 23 9.19 -3.00 -25.43
CA LEU C 23 9.83 -3.14 -26.71
C LEU C 23 9.55 -4.51 -27.31
N PRO C 24 9.88 -4.69 -28.59
CA PRO C 24 9.68 -5.99 -29.22
C PRO C 24 10.51 -7.13 -28.62
N ILE C 25 11.59 -6.82 -27.93
CA ILE C 25 12.34 -7.84 -27.18
C ILE C 25 12.50 -7.36 -25.76
N ASN C 26 12.30 -8.28 -24.81
CA ASN C 26 12.52 -8.06 -23.39
C ASN C 26 13.60 -9.01 -22.92
N PRO C 27 14.86 -8.60 -23.05
CA PRO C 27 15.92 -9.56 -22.80
C PRO C 27 16.02 -10.01 -21.35
N LEU C 28 15.65 -9.16 -20.41
CA LEU C 28 15.68 -9.57 -19.01
C LEU C 28 14.54 -10.50 -18.62
N SER C 29 13.36 -10.37 -19.23
CA SER C 29 12.23 -11.23 -18.82
C SER C 29 11.65 -12.21 -19.84
N ASN C 30 12.22 -12.32 -21.04
CA ASN C 30 11.65 -13.29 -21.98
C ASN C 30 11.96 -14.76 -21.68
N SER C 31 12.79 -15.01 -20.69
CA SER C 31 12.90 -16.36 -20.15
C SER C 31 12.06 -16.55 -18.90
N LEU C 32 11.53 -15.45 -18.34
CA LEU C 32 10.67 -15.54 -17.16
C LEU C 32 9.26 -15.91 -17.57
N LEU C 33 8.74 -15.24 -18.59
CA LEU C 33 7.38 -15.52 -19.06
C LEU C 33 7.22 -15.12 -20.53
N ARG C 34 6.23 -15.71 -21.20
CA ARG C 34 6.02 -15.51 -22.63
C ARG C 34 4.97 -14.43 -22.95
N TYR C 35 3.94 -14.28 -22.11
CA TYR C 35 2.79 -13.43 -22.45
C TYR C 35 2.92 -11.92 -22.14
N HIS C 36 3.95 -11.30 -22.72
CA HIS C 36 4.23 -9.87 -22.54
C HIS C 36 3.14 -8.94 -23.00
N ASN C 37 2.29 -9.45 -23.87
CA ASN C 37 1.14 -8.70 -24.35
C ASN C 37 0.16 -8.42 -23.20
N LYS C 38 0.17 -9.28 -22.19
CA LYS C 38 -0.69 -9.14 -21.03
C LYS C 38 -0.20 -8.09 -20.01
N VAL C 39 1.02 -7.61 -20.18
CA VAL C 39 1.66 -6.77 -19.16
C VAL C 39 1.59 -5.34 -19.63
N TYR C 40 0.75 -4.56 -18.97
CA TYR C 40 0.52 -3.18 -19.37
C TYR C 40 0.73 -2.18 -18.23
N CYS C 41 0.88 -0.91 -18.58
CA CYS C 41 1.04 0.16 -17.61
C CYS C 41 -0.10 1.16 -17.78
N THR C 42 -0.86 1.42 -16.73
CA THR C 42 -2.00 2.34 -16.79
C THR C 42 -1.54 3.71 -17.27
N THR C 43 -2.29 4.24 -18.23
CA THR C 43 -1.85 5.40 -18.97
C THR C 43 -2.80 6.57 -18.69
N SER C 44 -2.34 7.79 -18.93
CA SER C 44 -3.15 8.98 -18.63
C SER C 44 -4.34 9.11 -19.55
N LYS C 45 -4.22 8.62 -20.79
CA LYS C 45 -5.37 8.42 -21.67
C LYS C 45 -6.55 7.76 -20.92
N SER C 46 -6.29 6.76 -20.09
CA SER C 46 -7.38 6.07 -19.35
C SER C 46 -8.00 6.89 -18.20
N ALA C 47 -7.47 8.08 -17.93
CA ALA C 47 -7.85 8.78 -16.72
C ALA C 47 -9.31 9.21 -16.77
N SER C 48 -9.72 9.71 -17.94
CA SER C 48 -11.13 10.03 -18.18
C SER C 48 -12.07 8.95 -17.69
N GLN C 49 -11.71 7.69 -17.98
CA GLN C 49 -12.53 6.56 -17.57
C GLN C 49 -12.55 6.46 -16.05
N ARG C 50 -11.40 6.67 -15.41
CA ARG C 50 -11.36 6.59 -13.95
C ARG C 50 -12.28 7.67 -13.38
N ALA C 51 -12.14 8.87 -13.93
CA ALA C 51 -12.99 10.01 -13.55
C ALA C 51 -14.51 9.73 -13.59
N LYS C 52 -15.00 9.12 -14.67
CA LYS C 52 -16.42 8.76 -14.75
C LYS C 52 -16.77 7.83 -13.56
N LYS C 53 -15.89 6.88 -13.23
CA LYS C 53 -16.22 5.92 -12.19
C LYS C 53 -16.15 6.53 -10.77
N VAL C 54 -15.43 7.63 -10.58
CA VAL C 54 -15.30 8.23 -9.22
C VAL C 54 -16.18 9.46 -8.98
N THR C 55 -16.79 9.97 -10.04
CA THR C 55 -17.71 11.07 -9.99
C THR C 55 -19.14 10.63 -9.71
N PHE C 56 -19.60 10.85 -8.50
CA PHE C 56 -20.92 10.40 -8.09
C PHE C 56 -21.36 11.20 -6.89
N ASP C 57 -22.64 11.02 -6.52
CA ASP C 57 -23.26 11.80 -5.45
C ASP C 57 -23.28 11.12 -4.08
N ARG C 58 -22.66 11.75 -3.09
CA ARG C 58 -22.57 11.18 -1.74
C ARG C 58 -23.73 11.62 -0.89
N THR C 59 -24.31 10.70 -0.13
CA THR C 59 -25.38 11.03 0.80
C THR C 59 -25.14 10.28 2.11
N GLN C 60 -24.27 10.86 2.92
CA GLN C 60 -23.90 10.32 4.22
C GLN C 60 -25.07 10.47 5.21
N VAL C 61 -25.25 9.51 6.12
CA VAL C 61 -26.28 9.56 7.16
C VAL C 61 -25.75 8.86 8.41
N LEU C 62 -25.48 9.63 9.45
CA LEU C 62 -24.77 9.11 10.59
C LEU C 62 -25.77 8.62 11.64
N ASP C 63 -25.33 8.32 12.86
CA ASP C 63 -26.20 7.75 13.88
C ASP C 63 -25.46 7.61 15.20
N ALA C 64 -26.18 7.21 16.25
CA ALA C 64 -25.61 7.21 17.60
C ALA C 64 -24.31 6.46 17.67
N HIS C 65 -24.23 5.35 16.96
CA HIS C 65 -23.04 4.49 16.94
C HIS C 65 -21.83 5.25 16.38
N TYR C 66 -22.02 5.91 15.23
CA TYR C 66 -21.01 6.84 14.72
C TYR C 66 -20.67 7.85 15.80
N ASP C 67 -21.64 8.67 16.22
CA ASP C 67 -21.42 9.79 17.15
C ASP C 67 -20.63 9.31 18.35
N SER C 68 -20.94 8.12 18.81
CA SER C 68 -20.35 7.60 20.03
C SER C 68 -18.89 7.21 19.83
N VAL C 69 -18.60 6.65 18.67
CA VAL C 69 -17.26 6.19 18.37
C VAL C 69 -16.38 7.42 18.14
N LEU C 70 -16.95 8.40 17.45
CA LEU C 70 -16.30 9.68 17.28
C LEU C 70 -15.96 10.39 18.59
N LYS C 71 -16.90 10.39 19.55
CA LYS C 71 -16.65 10.93 20.90
C LYS C 71 -15.42 10.29 21.43
N ASP C 72 -15.46 8.98 21.62
CA ASP C 72 -14.38 8.23 22.32
C ASP C 72 -13.04 8.46 21.69
N ILE C 73 -13.07 8.73 20.38
CA ILE C 73 -11.86 8.91 19.62
C ILE C 73 -11.22 10.23 19.99
N LYS C 74 -12.05 11.28 20.12
CA LYS C 74 -11.58 12.58 20.61
C LYS C 74 -11.03 12.49 22.05
N LEU C 75 -11.68 11.77 22.96
CA LEU C 75 -11.09 11.56 24.30
C LEU C 75 -9.68 10.94 24.19
N ALA C 76 -9.42 10.13 23.17
CA ALA C 76 -8.05 9.61 22.93
C ALA C 76 -7.11 10.69 22.40
N ALA C 77 -7.63 11.53 21.48
CA ALA C 77 -6.85 12.58 20.87
C ALA C 77 -6.29 13.56 21.89
N SER C 78 -7.01 13.75 22.98
CA SER C 78 -6.59 14.63 24.08
C SER C 78 -5.31 14.18 24.76
N LYS C 79 -4.98 12.90 24.77
CA LYS C 79 -3.70 12.48 25.36
C LYS C 79 -2.49 12.94 24.52
N VAL C 80 -2.72 13.28 23.26
CA VAL C 80 -1.64 13.62 22.37
C VAL C 80 -1.24 15.10 22.50
N SER C 81 0.01 15.34 22.85
CA SER C 81 0.53 16.68 22.66
C SER C 81 1.41 16.61 21.43
N ALA C 82 1.38 17.65 20.62
CA ALA C 82 2.05 17.64 19.33
C ALA C 82 2.59 19.02 18.96
N ARG C 83 3.71 19.04 18.24
CA ARG C 83 4.40 20.29 17.95
C ARG C 83 4.41 20.70 16.48
N LEU C 84 4.64 21.99 16.25
CA LEU C 84 5.02 22.49 14.94
C LEU C 84 6.41 21.95 14.61
N LEU C 85 6.73 22.01 13.34
CA LEU C 85 8.00 21.50 12.89
C LEU C 85 8.64 22.70 12.25
N THR C 86 9.92 22.91 12.49
CA THR C 86 10.56 24.08 11.95
C THR C 86 10.46 23.96 10.44
N LEU C 87 10.29 25.08 9.79
CA LEU C 87 10.33 25.12 8.37
C LEU C 87 11.45 24.24 7.84
N GLN C 88 12.61 24.26 8.49
CA GLN C 88 13.77 23.53 7.96
C GLN C 88 13.62 22.03 8.14
N GLN C 89 13.12 21.62 9.28
CA GLN C 89 12.92 20.21 9.52
C GLN C 89 11.92 19.67 8.48
N ALA C 90 10.86 20.40 8.23
CA ALA C 90 9.89 20.01 7.26
C ALA C 90 10.52 19.94 5.86
N CYS C 91 11.40 20.87 5.53
CA CYS C 91 12.03 20.86 4.21
C CYS C 91 12.75 19.55 3.97
N GLN C 92 13.41 19.07 5.01
CA GLN C 92 14.28 17.94 4.87
C GLN C 92 13.58 16.61 5.07
N LEU C 93 12.24 16.63 5.21
CA LEU C 93 11.45 15.41 5.08
C LEU C 93 10.92 15.32 3.65
N THR C 94 11.25 16.28 2.79
CA THR C 94 10.85 16.19 1.40
C THR C 94 11.66 15.10 0.73
N PRO C 95 11.00 14.20 -0.03
CA PRO C 95 11.75 13.17 -0.77
C PRO C 95 12.62 13.76 -1.87
N PRO C 96 13.72 13.07 -2.22
CA PRO C 96 14.68 13.56 -3.23
C PRO C 96 14.08 13.94 -4.57
N HIS C 97 13.07 13.23 -5.02
CA HIS C 97 12.58 13.43 -6.40
C HIS C 97 11.26 14.24 -6.45
N SER C 98 10.82 14.73 -5.29
CA SER C 98 9.50 15.36 -5.17
C SER C 98 9.32 16.43 -6.25
N ALA C 99 8.21 16.32 -6.96
CA ALA C 99 7.97 17.17 -8.12
C ALA C 99 8.26 18.61 -7.78
N ARG C 100 8.95 19.28 -8.70
CA ARG C 100 9.36 20.65 -8.49
C ARG C 100 8.20 21.63 -8.31
N SER C 101 8.50 22.77 -7.71
CA SER C 101 7.55 23.83 -7.57
C SER C 101 7.31 24.56 -8.89
N LYS C 102 6.07 25.01 -9.07
CA LYS C 102 5.67 25.85 -10.19
C LYS C 102 6.54 27.11 -10.20
N TYR C 103 6.98 27.51 -8.99
CA TYR C 103 7.75 28.73 -8.78
C TYR C 103 9.28 28.56 -8.84
N GLY C 104 9.79 27.87 -9.86
CA GLY C 104 11.24 27.82 -10.15
C GLY C 104 12.18 27.36 -9.05
N PHE C 105 11.91 26.19 -8.50
CA PHE C 105 12.83 25.47 -7.62
C PHE C 105 12.21 24.10 -7.37
N GLY C 106 13.05 23.13 -7.01
CA GLY C 106 12.62 21.75 -6.79
C GLY C 106 13.16 21.19 -5.49
N ALA C 107 13.28 19.87 -5.40
CA ALA C 107 13.52 19.23 -4.11
C ALA C 107 14.99 19.26 -3.68
N LYS C 108 15.93 19.32 -4.64
CA LYS C 108 17.33 19.59 -4.30
C LYS C 108 17.41 20.85 -3.37
N GLU C 109 16.82 21.96 -3.84
CA GLU C 109 16.85 23.24 -3.15
C GLU C 109 16.17 23.09 -1.81
N VAL C 110 14.93 22.65 -1.83
CA VAL C 110 14.24 22.46 -0.60
C VAL C 110 15.13 21.71 0.37
N ARG C 111 15.68 20.60 -0.07
CA ARG C 111 16.34 19.70 0.87
C ARG C 111 17.62 20.31 1.41
N SER C 112 18.28 21.12 0.57
CA SER C 112 19.53 21.75 0.94
C SER C 112 19.30 23.18 1.46
N LEU C 113 18.04 23.54 1.67
CA LEU C 113 17.66 24.82 2.28
C LEU C 113 18.11 26.03 1.47
N SER C 114 18.10 25.92 0.14
CA SER C 114 18.37 27.08 -0.70
C SER C 114 17.49 28.23 -0.24
N GLY C 115 18.03 29.45 -0.29
CA GLY C 115 17.35 30.61 0.18
C GLY C 115 16.11 31.00 -0.61
N ARG C 116 16.15 30.84 -1.92
CA ARG C 116 14.96 31.14 -2.76
C ARG C 116 13.76 30.31 -2.28
N ALA C 117 14.04 29.02 -2.06
CA ALA C 117 13.05 28.03 -1.63
C ALA C 117 12.53 28.32 -0.23
N VAL C 118 13.44 28.63 0.68
CA VAL C 118 13.07 28.98 2.05
C VAL C 118 12.20 30.24 2.16
N ASN C 119 12.48 31.26 1.36
CA ASN C 119 11.64 32.46 1.44
C ASN C 119 10.29 32.17 0.92
N HIS C 120 10.23 31.51 -0.24
CA HIS C 120 8.95 31.12 -0.81
C HIS C 120 8.10 30.34 0.21
N ILE C 121 8.74 29.41 0.90
CA ILE C 121 8.03 28.61 1.83
C ILE C 121 7.58 29.48 3.00
N LYS C 122 8.46 30.35 3.49
CA LYS C 122 8.07 31.32 4.53
C LYS C 122 6.83 32.12 4.10
N SER C 123 6.76 32.49 2.83
CA SER C 123 5.66 33.35 2.40
C SER C 123 4.32 32.58 2.35
N VAL C 124 4.40 31.34 1.84
CA VAL C 124 3.29 30.40 1.76
C VAL C 124 2.71 30.14 3.14
N TRP C 125 3.58 29.87 4.08
CA TRP C 125 3.15 29.69 5.45
C TRP C 125 2.49 30.93 6.07
N LYS C 126 3.02 32.12 5.75
CA LYS C 126 2.38 33.38 6.17
C LYS C 126 0.94 33.39 5.67
N ASP C 127 0.80 33.17 4.37
CA ASP C 127 -0.48 33.25 3.70
C ASP C 127 -1.52 32.26 4.26
N LEU C 128 -1.06 31.10 4.76
CA LEU C 128 -1.96 30.16 5.44
C LEU C 128 -2.48 30.71 6.75
N LEU C 129 -1.60 31.41 7.46
CA LEU C 129 -1.95 32.04 8.72
C LEU C 129 -2.87 33.25 8.53
N GLU C 130 -2.60 34.06 7.50
CA GLU C 130 -3.40 35.26 7.25
C GLU C 130 -4.74 34.89 6.62
N ASP C 131 -4.71 34.22 5.47
CA ASP C 131 -5.91 33.83 4.74
C ASP C 131 -6.39 32.42 5.12
N PRO C 132 -7.61 32.29 5.68
CA PRO C 132 -8.07 30.97 6.07
C PRO C 132 -9.14 30.43 5.14
N GLN C 133 -9.14 30.81 3.85
CA GLN C 133 -10.30 30.52 3.02
C GLN C 133 -10.10 30.43 1.50
N THR C 134 -9.24 31.25 0.94
CA THR C 134 -9.07 31.13 -0.51
C THR C 134 -8.60 29.72 -0.84
N PRO C 135 -9.41 28.98 -1.61
CA PRO C 135 -9.01 27.62 -2.00
C PRO C 135 -7.63 27.59 -2.69
N ILE C 136 -6.87 26.52 -2.44
CA ILE C 136 -5.51 26.38 -2.95
C ILE C 136 -5.43 25.46 -4.18
N PRO C 137 -4.93 25.99 -5.30
CA PRO C 137 -4.93 25.15 -6.50
C PRO C 137 -4.07 23.89 -6.35
N THR C 138 -4.47 22.85 -7.09
CA THR C 138 -3.86 21.55 -7.03
C THR C 138 -3.64 21.12 -8.44
N THR C 139 -2.68 20.24 -8.63
CA THR C 139 -2.46 19.59 -9.91
C THR C 139 -3.08 18.21 -9.81
N ILE C 140 -3.67 17.77 -10.92
CA ILE C 140 -4.21 16.43 -11.01
C ILE C 140 -3.45 15.65 -12.07
N MET C 141 -3.25 14.37 -11.80
CA MET C 141 -2.51 13.49 -12.72
C MET C 141 -2.89 12.05 -12.47
N ALA C 142 -2.63 11.26 -13.51
CA ALA C 142 -2.89 9.84 -13.52
C ALA C 142 -1.67 9.05 -13.03
N LYS C 143 -1.87 8.09 -12.12
CA LYS C 143 -0.75 7.28 -11.66
C LYS C 143 -0.47 6.18 -12.67
N ASN C 144 0.80 5.99 -13.00
CA ASN C 144 1.23 4.94 -13.91
C ASN C 144 1.60 3.69 -13.17
N GLU C 145 0.73 2.69 -13.18
CA GLU C 145 1.09 1.42 -12.53
C GLU C 145 1.03 0.28 -13.55
N VAL C 146 1.81 -0.77 -13.31
CA VAL C 146 1.82 -1.96 -14.17
C VAL C 146 1.01 -3.10 -13.56
N PHE C 147 0.24 -3.77 -14.41
CA PHE C 147 -0.58 -4.91 -14.05
C PHE C 147 -0.64 -5.92 -15.20
N CYS C 148 -1.17 -7.10 -14.89
CA CYS C 148 -1.49 -8.12 -15.88
C CYS C 148 -2.91 -7.85 -16.33
N VAL C 149 -3.22 -7.96 -17.62
CA VAL C 149 -4.62 -7.77 -18.06
C VAL C 149 -5.48 -8.83 -17.43
N ASP C 150 -6.71 -8.49 -17.08
CA ASP C 150 -7.68 -9.43 -16.53
C ASP C 150 -9.02 -9.28 -17.26
N PRO C 151 -9.25 -10.11 -18.31
CA PRO C 151 -10.44 -9.91 -19.15
C PRO C 151 -11.74 -10.06 -18.39
N ALA C 152 -11.76 -10.93 -17.37
CA ALA C 152 -12.88 -11.01 -16.42
C ALA C 152 -13.19 -9.64 -15.79
N LYS C 153 -12.24 -9.08 -15.02
CA LYS C 153 -12.44 -7.79 -14.34
C LYS C 153 -12.12 -6.54 -15.21
N GLY C 154 -12.67 -6.49 -16.43
CA GLY C 154 -12.59 -5.29 -17.28
C GLY C 154 -11.66 -5.36 -18.47
N GLY C 155 -10.53 -6.05 -18.34
CA GLY C 155 -9.44 -5.94 -19.32
C GLY C 155 -8.29 -5.15 -18.69
N LYS C 156 -8.27 -3.84 -18.96
CA LYS C 156 -7.25 -2.94 -18.40
C LYS C 156 -7.80 -1.91 -17.46
N LYS C 157 -7.44 -1.99 -16.18
CA LYS C 157 -7.78 -0.96 -15.19
C LYS C 157 -7.48 0.44 -15.70
N PRO C 158 -8.43 1.37 -15.49
CA PRO C 158 -8.07 2.76 -15.73
C PRO C 158 -7.20 3.26 -14.57
N ALA C 159 -6.36 4.25 -14.86
CA ALA C 159 -5.41 4.81 -13.92
C ALA C 159 -6.02 5.52 -12.72
N ARG C 160 -5.30 5.44 -11.63
CA ARG C 160 -5.67 6.11 -10.41
C ARG C 160 -5.43 7.60 -10.58
N LEU C 161 -6.22 8.40 -9.87
CA LEU C 161 -6.09 9.84 -9.91
C LEU C 161 -5.37 10.35 -8.69
N ILE C 162 -4.29 11.09 -8.94
CA ILE C 162 -3.50 11.74 -7.89
C ILE C 162 -3.70 13.24 -7.96
N VAL C 163 -3.97 13.85 -6.81
CA VAL C 163 -4.27 15.29 -6.75
C VAL C 163 -3.44 15.92 -5.64
N TYR C 164 -2.62 16.92 -6.00
CA TYR C 164 -1.66 17.47 -5.05
C TYR C 164 -1.32 18.96 -5.25
N PRO C 165 -1.12 19.69 -4.14
CA PRO C 165 -0.68 21.06 -4.23
C PRO C 165 0.79 21.16 -4.54
N ASP C 166 1.22 22.32 -5.03
CA ASP C 166 2.62 22.67 -5.24
C ASP C 166 3.52 22.35 -4.05
N LEU C 167 4.79 22.22 -4.35
CA LEU C 167 5.79 21.79 -3.37
C LEU C 167 5.85 22.68 -2.09
N GLY C 168 5.80 24.00 -2.26
CA GLY C 168 5.75 24.90 -1.12
C GLY C 168 4.64 24.51 -0.17
N VAL C 169 3.48 24.16 -0.71
CA VAL C 169 2.37 23.81 0.16
C VAL C 169 2.62 22.49 0.87
N ARG C 170 3.26 21.56 0.15
CA ARG C 170 3.57 20.25 0.71
C ARG C 170 4.45 20.34 1.93
N VAL C 171 5.39 21.28 1.91
CA VAL C 171 6.28 21.49 3.03
C VAL C 171 5.51 22.05 4.22
N CYS C 172 4.66 23.02 3.95
CA CYS C 172 3.86 23.67 5.01
C CYS C 172 2.96 22.68 5.70
N GLU C 173 2.36 21.80 4.90
CA GLU C 173 1.59 20.70 5.48
C GLU C 173 2.38 20.00 6.55
N LYS C 174 3.64 19.67 6.20
CA LYS C 174 4.50 18.93 7.11
C LYS C 174 4.76 19.71 8.38
N MET C 175 4.97 21.02 8.24
CA MET C 175 5.22 21.88 9.40
C MET C 175 4.06 21.72 10.41
N ALA C 176 2.86 22.02 9.94
CA ALA C 176 1.62 21.89 10.71
C ALA C 176 1.32 20.47 11.24
N LEU C 177 1.43 19.45 10.38
CA LEU C 177 0.84 18.12 10.66
C LEU C 177 1.78 16.93 10.87
N TYR C 178 3.00 16.97 10.35
CA TYR C 178 3.87 15.80 10.48
C TYR C 178 3.89 15.21 11.88
N ASP C 179 4.11 16.02 12.90
CA ASP C 179 4.22 15.43 14.25
C ASP C 179 2.95 14.67 14.59
N ILE C 180 1.80 15.25 14.22
CA ILE C 180 0.51 14.58 14.45
C ILE C 180 0.50 13.21 13.81
N THR C 181 0.86 13.15 12.53
CA THR C 181 0.94 11.88 11.81
C THR C 181 1.80 10.85 12.53
N GLN C 182 2.71 11.30 13.38
CA GLN C 182 3.52 10.38 14.15
C GLN C 182 2.92 9.95 15.49
N LYS C 183 1.92 10.65 16.01
CA LYS C 183 1.40 10.31 17.35
C LYS C 183 -0.09 9.95 17.37
N LEU C 184 -0.86 10.60 16.50
CA LEU C 184 -2.31 10.56 16.59
C LEU C 184 -2.90 9.15 16.35
N PRO C 185 -2.67 8.54 15.18
CA PRO C 185 -3.28 7.24 14.88
C PRO C 185 -3.04 6.20 15.96
N GLN C 186 -1.78 6.02 16.34
CA GLN C 186 -1.38 5.05 17.35
C GLN C 186 -2.19 5.29 18.60
N ALA C 187 -2.37 6.57 18.93
CA ALA C 187 -3.07 6.97 20.15
C ALA C 187 -4.56 6.71 20.03
N VAL C 188 -5.15 7.18 18.94
CA VAL C 188 -6.55 6.98 18.68
C VAL C 188 -6.94 5.50 18.57
N MET C 189 -6.12 4.68 17.91
CA MET C 189 -6.50 3.29 17.54
C MET C 189 -5.77 2.20 18.30
N GLY C 190 -4.74 2.54 19.03
CA GLY C 190 -4.02 1.51 19.78
C GLY C 190 -3.54 0.42 18.85
N ALA C 191 -3.65 -0.83 19.31
CA ALA C 191 -3.21 -2.01 18.54
C ALA C 191 -3.91 -2.19 17.18
N SER C 192 -5.02 -1.49 16.91
CA SER C 192 -5.70 -1.61 15.63
C SER C 192 -4.98 -0.87 14.49
N TYR C 193 -3.97 -0.08 14.81
CA TYR C 193 -3.26 0.68 13.78
C TYR C 193 -2.25 -0.21 13.08
N GLY C 194 -2.54 -0.57 11.84
CA GLY C 194 -1.82 -1.64 11.19
C GLY C 194 -0.46 -1.27 10.68
N PHE C 195 -0.27 -0.02 10.33
CA PHE C 195 1.01 0.43 9.81
C PHE C 195 2.11 0.27 10.86
N GLN C 196 1.77 0.39 12.14
CA GLN C 196 2.77 0.20 13.22
C GLN C 196 3.53 -1.15 13.20
N TYR C 197 2.91 -2.21 12.65
CA TYR C 197 3.47 -3.55 12.68
C TYR C 197 4.35 -3.90 11.50
N SER C 198 5.26 -4.82 11.75
CA SER C 198 5.99 -5.55 10.71
C SER C 198 5.11 -6.69 10.19
N PRO C 199 5.46 -7.25 9.02
CA PRO C 199 4.69 -8.38 8.50
C PRO C 199 4.63 -9.57 9.46
N ALA C 200 5.71 -9.79 10.19
CA ALA C 200 5.75 -10.86 11.16
C ALA C 200 4.79 -10.54 12.27
N GLN C 201 4.79 -9.29 12.70
CA GLN C 201 3.89 -8.90 13.76
C GLN C 201 2.45 -8.96 13.27
N ARG C 202 2.22 -8.63 12.01
CA ARG C 202 0.87 -8.70 11.47
C ARG C 202 0.37 -10.10 11.60
N VAL C 203 1.18 -11.03 11.13
CA VAL C 203 0.81 -12.43 11.12
C VAL C 203 0.55 -12.91 12.55
N GLU C 204 1.43 -12.55 13.48
CA GLU C 204 1.28 -12.96 14.85
C GLU C 204 0.01 -12.39 15.46
N TYR C 205 -0.20 -11.09 15.26
CA TYR C 205 -1.41 -10.42 15.71
C TYR C 205 -2.67 -11.14 15.28
N LEU C 206 -2.72 -11.54 14.01
CA LEU C 206 -3.93 -12.14 13.45
C LEU C 206 -4.14 -13.48 14.07
N LEU C 207 -3.08 -14.26 14.17
CA LEU C 207 -3.17 -15.55 14.85
C LEU C 207 -3.55 -15.41 16.31
N LYS C 208 -3.07 -14.37 17.01
CA LYS C 208 -3.42 -14.17 18.42
C LYS C 208 -4.94 -13.84 18.50
N ALA C 209 -5.38 -12.93 17.65
CA ALA C 209 -6.80 -12.54 17.63
C ALA C 209 -7.67 -13.76 17.41
N TRP C 210 -7.23 -14.57 16.48
CA TRP C 210 -7.94 -15.76 16.09
C TRP C 210 -7.98 -16.79 17.22
N ALA C 211 -6.83 -17.05 17.82
CA ALA C 211 -6.75 -18.00 18.93
C ALA C 211 -7.57 -17.54 20.14
N GLU C 212 -7.60 -16.23 20.41
CA GLU C 212 -8.34 -15.68 21.55
C GLU C 212 -9.84 -16.02 21.56
N LYS C 213 -10.47 -16.14 20.40
CA LYS C 213 -11.90 -16.32 20.36
C LYS C 213 -12.22 -17.73 20.77
N LYS C 214 -13.38 -17.94 21.40
CA LYS C 214 -13.92 -19.29 21.58
C LYS C 214 -14.23 -19.88 20.21
N ASP C 215 -14.72 -19.06 19.29
CA ASP C 215 -15.25 -19.57 18.03
C ASP C 215 -15.22 -18.47 16.96
N PRO C 216 -14.05 -18.24 16.36
CA PRO C 216 -13.71 -17.06 15.57
C PRO C 216 -14.39 -16.96 14.26
N MET C 217 -14.65 -15.74 13.80
CA MET C 217 -15.21 -15.46 12.50
C MET C 217 -14.41 -14.33 11.98
N GLY C 218 -14.07 -14.35 10.70
CA GLY C 218 -13.20 -13.31 10.16
C GLY C 218 -13.81 -12.71 8.95
N PHE C 219 -13.48 -11.46 8.67
CA PHE C 219 -13.79 -10.91 7.36
C PHE C 219 -12.91 -9.69 7.12
N SER C 220 -12.96 -9.20 5.88
CA SER C 220 -12.23 -7.99 5.51
C SER C 220 -13.12 -7.07 4.70
N TYR C 221 -12.71 -5.83 4.59
CA TYR C 221 -13.53 -4.82 3.93
C TYR C 221 -12.62 -3.85 3.26
N ASP C 222 -13.15 -3.27 2.21
CA ASP C 222 -12.44 -2.29 1.44
C ASP C 222 -13.49 -1.42 0.75
N THR C 223 -13.24 -0.12 0.72
CA THR C 223 -14.18 0.81 0.14
C THR C 223 -13.83 1.03 -1.34
N ARG C 224 -14.86 1.06 -2.16
CA ARG C 224 -14.75 1.31 -3.58
C ARG C 224 -14.36 2.77 -3.78
N HIS C 225 -13.24 3.03 -4.43
CA HIS C 225 -12.84 4.39 -4.72
C HIS C 225 -12.87 5.23 -3.46
N PHE C 226 -12.16 4.76 -2.42
CA PHE C 226 -12.31 5.34 -1.08
C PHE C 226 -12.17 6.84 -1.10
N ASP C 227 -11.17 7.37 -1.79
CA ASP C 227 -10.97 8.81 -1.75
C ASP C 227 -12.21 9.60 -2.27
N SER C 228 -12.87 9.17 -3.34
CA SER C 228 -14.19 9.75 -3.70
C SER C 228 -15.23 9.73 -2.60
N THR C 229 -15.20 8.73 -1.72
CA THR C 229 -16.28 8.54 -0.75
C THR C 229 -16.14 9.42 0.45
N VAL C 230 -15.01 10.12 0.55
CA VAL C 230 -14.77 11.00 1.69
C VAL C 230 -15.51 12.31 1.44
N THR C 231 -16.38 12.65 2.40
CA THR C 231 -17.19 13.86 2.32
C THR C 231 -16.49 15.06 2.95
N GLU C 232 -16.93 16.26 2.53
CA GLU C 232 -16.52 17.50 3.18
C GLU C 232 -16.64 17.40 4.70
N ARG C 233 -17.73 16.81 5.14
CA ARG C 233 -17.97 16.68 6.54
C ARG C 233 -16.95 15.74 7.20
N ASP C 234 -16.54 14.72 6.46
CA ASP C 234 -15.53 13.79 6.95
C ASP C 234 -14.21 14.47 7.22
N ILE C 235 -13.84 15.34 6.27
CA ILE C 235 -12.58 16.05 6.31
C ILE C 235 -12.54 17.05 7.45
N ARG C 236 -13.70 17.62 7.78
CA ARG C 236 -13.78 18.56 8.88
C ARG C 236 -13.76 17.83 10.21
N THR C 237 -14.34 16.65 10.22
CA THR C 237 -14.29 15.79 11.39
C THR C 237 -12.85 15.29 11.58
N GLU C 238 -12.14 15.09 10.46
CA GLU C 238 -10.73 14.82 10.54
C GLU C 238 -10.04 16.02 11.23
N GLU C 239 -10.26 17.23 10.72
CA GLU C 239 -9.70 18.41 11.41
C GLU C 239 -10.03 18.39 12.87
N SER C 240 -11.31 18.26 13.17
CA SER C 240 -11.73 18.39 14.55
C SER C 240 -11.06 17.32 15.43
N ILE C 241 -10.69 16.19 14.85
CA ILE C 241 -9.92 15.21 15.62
C ILE C 241 -8.48 15.65 15.79
N TYR C 242 -7.89 16.25 14.76
CA TYR C 242 -6.52 16.77 14.89
C TYR C 242 -6.48 17.82 15.99
N GLN C 243 -7.44 18.74 15.94
CA GLN C 243 -7.56 19.85 16.93
C GLN C 243 -7.75 19.34 18.34
N ALA C 244 -8.38 18.20 18.49
CA ALA C 244 -8.60 17.71 19.82
C ALA C 244 -7.31 17.41 20.56
N CYS C 245 -6.16 17.64 19.92
CA CYS C 245 -4.85 17.44 20.57
C CYS C 245 -4.37 18.75 21.22
N SER C 246 -3.38 18.66 22.11
CA SER C 246 -2.62 19.84 22.56
C SER C 246 -1.80 20.31 21.37
N LEU C 247 -2.06 21.55 20.95
CA LEU C 247 -1.34 22.18 19.85
C LEU C 247 -1.00 23.63 20.16
N PRO C 248 0.14 24.11 19.63
CA PRO C 248 0.39 25.53 19.51
C PRO C 248 -0.74 26.17 18.77
N GLU C 249 -1.13 27.38 19.15
CA GLU C 249 -2.19 28.09 18.46
C GLU C 249 -1.84 28.27 16.96
N GLU C 250 -0.55 28.40 16.68
CA GLU C 250 -0.08 28.62 15.32
C GLU C 250 -0.37 27.42 14.40
N ALA C 251 -0.34 26.22 15.00
CA ALA C 251 -0.66 25.00 14.28
C ALA C 251 -2.15 25.00 13.97
N ARG C 252 -2.96 25.22 15.01
CA ARG C 252 -4.41 25.24 14.88
C ARG C 252 -4.84 26.11 13.72
N THR C 253 -4.24 27.26 13.57
CA THR C 253 -4.62 28.12 12.46
C THR C 253 -4.20 27.53 11.12
N ALA C 254 -3.01 26.90 11.10
CA ALA C 254 -2.48 26.27 9.87
C ALA C 254 -3.32 25.05 9.48
N ILE C 255 -3.53 24.18 10.47
CA ILE C 255 -4.42 23.05 10.29
C ILE C 255 -5.73 23.54 9.69
N HIS C 256 -6.37 24.49 10.37
CA HIS C 256 -7.73 24.86 10.05
C HIS C 256 -7.76 25.45 8.68
N SER C 257 -6.68 26.14 8.34
CA SER C 257 -6.63 26.82 7.05
C SER C 257 -6.42 25.78 5.94
N LEU C 258 -5.53 24.81 6.21
CA LEU C 258 -5.25 23.71 5.27
C LEU C 258 -6.52 22.93 5.01
N THR C 259 -7.20 22.57 6.09
CA THR C 259 -8.49 21.90 5.99
C THR C 259 -9.38 22.64 5.04
N GLU C 260 -9.62 23.92 5.34
CA GLU C 260 -10.66 24.69 4.64
C GLU C 260 -10.27 25.03 3.24
N ARG C 261 -8.98 25.27 3.01
CA ARG C 261 -8.52 25.74 1.70
C ARG C 261 -8.07 24.62 0.78
N LEU C 262 -7.71 23.48 1.35
CA LEU C 262 -7.07 22.40 0.59
C LEU C 262 -7.72 21.04 0.78
N TYR C 263 -7.75 20.58 2.01
CA TYR C 263 -8.20 19.25 2.30
C TYR C 263 -9.67 19.00 1.92
N VAL C 264 -10.53 19.95 2.20
CA VAL C 264 -11.97 19.77 2.00
C VAL C 264 -12.39 19.89 0.54
N GLY C 265 -11.56 20.54 -0.27
CA GLY C 265 -11.89 20.65 -1.67
C GLY C 265 -11.02 21.68 -2.37
N GLY C 266 -11.26 21.85 -3.66
CA GLY C 266 -10.63 22.93 -4.39
C GLY C 266 -10.60 22.70 -5.88
N PRO C 267 -10.02 23.65 -6.63
CA PRO C 267 -9.84 23.50 -8.06
C PRO C 267 -8.65 22.61 -8.46
N MET C 268 -8.75 22.07 -9.67
CA MET C 268 -7.81 21.11 -10.16
C MET C 268 -7.35 21.52 -11.53
N PHE C 269 -6.04 21.45 -11.75
CA PHE C 269 -5.42 21.85 -13.01
C PHE C 269 -4.65 20.68 -13.55
N ASN C 270 -4.78 20.42 -14.84
CA ASN C 270 -3.99 19.38 -15.47
C ASN C 270 -2.56 19.88 -15.63
N SER C 271 -1.69 19.06 -16.20
CA SER C 271 -0.27 19.37 -16.21
C SER C 271 0.07 20.40 -17.25
N LYS C 272 -0.86 20.66 -18.16
CA LYS C 272 -0.66 21.67 -19.19
C LYS C 272 -1.22 23.01 -18.70
N GLY C 273 -1.73 23.07 -17.48
CA GLY C 273 -2.11 24.37 -16.88
C GLY C 273 -3.60 24.69 -16.85
N GLN C 274 -4.39 24.05 -17.70
CA GLN C 274 -5.82 24.33 -17.79
C GLN C 274 -6.60 23.95 -16.54
N THR C 275 -7.72 24.62 -16.30
CA THR C 275 -8.66 24.21 -15.26
C THR C 275 -9.26 22.86 -15.67
N CYS C 276 -9.30 21.94 -14.73
CA CYS C 276 -9.70 20.57 -15.05
C CYS C 276 -11.02 20.21 -14.38
N GLY C 277 -11.21 20.68 -13.15
CA GLY C 277 -12.44 20.38 -12.46
C GLY C 277 -12.36 20.89 -11.06
N TYR C 278 -13.35 20.56 -10.25
CA TYR C 278 -13.36 20.98 -8.86
C TYR C 278 -13.66 19.76 -8.02
N ARG C 279 -13.11 19.76 -6.81
CA ARG C 279 -12.99 18.59 -5.99
C ARG C 279 -13.65 18.82 -4.64
N ARG C 280 -14.43 17.86 -4.18
CA ARG C 280 -15.10 17.97 -2.87
C ARG C 280 -14.93 16.70 -2.04
N CYS C 281 -13.81 16.03 -2.24
CA CYS C 281 -13.48 14.80 -1.54
C CYS C 281 -12.00 14.78 -1.29
N ARG C 282 -11.51 13.69 -0.72
CA ARG C 282 -10.10 13.51 -0.47
C ARG C 282 -9.25 13.77 -1.71
N ALA C 283 -8.17 14.51 -1.49
CA ALA C 283 -7.12 14.66 -2.47
C ALA C 283 -5.99 13.73 -2.03
N SER C 284 -5.78 12.70 -2.82
CA SER C 284 -4.80 11.70 -2.51
C SER C 284 -3.49 12.23 -3.06
N GLY C 285 -2.62 12.64 -2.16
CA GLY C 285 -1.52 13.56 -2.50
C GLY C 285 -1.14 14.51 -1.36
N VAL C 286 -2.06 14.73 -0.44
CA VAL C 286 -1.80 15.55 0.72
C VAL C 286 -1.15 14.70 1.79
N LEU C 287 -0.60 15.36 2.79
CA LEU C 287 0.09 14.69 3.86
C LEU C 287 -0.86 13.84 4.65
N THR C 288 -2.09 14.31 4.77
CA THR C 288 -3.08 13.64 5.60
C THR C 288 -3.78 12.50 4.90
N THR C 289 -3.41 12.22 3.64
CA THR C 289 -4.04 11.14 2.89
C THR C 289 -4.10 9.84 3.70
N SER C 290 -2.95 9.40 4.18
CA SER C 290 -2.84 8.10 4.78
C SER C 290 -3.41 8.06 6.18
N MET C 291 -3.11 9.08 6.98
CA MET C 291 -3.64 9.18 8.34
C MET C 291 -5.15 9.42 8.29
N GLY C 292 -5.56 10.35 7.42
CA GLY C 292 -6.97 10.67 7.24
C GLY C 292 -7.76 9.42 6.93
N ASN C 293 -7.38 8.78 5.83
CA ASN C 293 -8.00 7.55 5.42
C ASN C 293 -8.12 6.56 6.56
N THR C 294 -7.03 6.32 7.26
CA THR C 294 -7.01 5.29 8.28
C THR C 294 -7.93 5.61 9.44
N ILE C 295 -7.87 6.84 9.91
CA ILE C 295 -8.69 7.26 11.04
C ILE C 295 -10.17 7.24 10.64
N THR C 296 -10.45 7.80 9.48
CA THR C 296 -11.80 7.87 9.01
C THR C 296 -12.37 6.47 8.76
N CYS C 297 -11.61 5.61 8.10
CA CYS C 297 -12.07 4.25 7.93
C CYS C 297 -12.33 3.62 9.28
N TYR C 298 -11.45 3.88 10.23
CA TYR C 298 -11.62 3.29 11.56
C TYR C 298 -12.90 3.74 12.26
N VAL C 299 -13.31 5.00 12.10
CA VAL C 299 -14.51 5.49 12.79
C VAL C 299 -15.71 4.74 12.23
N LYS C 300 -15.87 4.87 10.92
CA LYS C 300 -16.97 4.27 10.24
C LYS C 300 -17.04 2.76 10.53
N ALA C 301 -15.90 2.09 10.51
CA ALA C 301 -15.88 0.66 10.70
C ALA C 301 -16.24 0.25 12.11
N LEU C 302 -15.81 1.03 13.09
CA LEU C 302 -16.08 0.61 14.47
C LEU C 302 -17.54 0.94 14.81
N ALA C 303 -18.04 2.05 14.27
CA ALA C 303 -19.44 2.34 14.38
C ALA C 303 -20.23 1.24 13.67
N ALA C 304 -19.83 0.89 12.43
CA ALA C 304 -20.54 -0.14 11.67
C ALA C 304 -20.52 -1.49 12.39
N CYS C 305 -19.42 -1.77 13.07
CA CYS C 305 -19.35 -2.99 13.85
C CYS C 305 -20.41 -2.92 14.89
N LYS C 306 -20.49 -1.78 15.55
CA LYS C 306 -21.42 -1.62 16.66
C LYS C 306 -22.85 -1.70 16.15
N ALA C 307 -23.11 -1.07 15.02
CA ALA C 307 -24.41 -1.21 14.37
C ALA C 307 -24.77 -2.68 14.06
N ALA C 308 -23.81 -3.45 13.59
CA ALA C 308 -24.11 -4.75 13.05
C ALA C 308 -24.27 -5.79 14.13
N GLY C 309 -23.72 -5.59 15.31
CA GLY C 309 -23.73 -6.63 16.33
C GLY C 309 -22.45 -7.44 16.46
N ILE C 310 -21.39 -7.00 15.78
CA ILE C 310 -20.20 -7.79 15.71
C ILE C 310 -19.70 -7.96 17.11
N VAL C 311 -19.49 -9.20 17.56
CA VAL C 311 -19.16 -9.47 18.96
C VAL C 311 -17.67 -9.60 19.15
N ALA C 312 -17.16 -8.87 20.13
CA ALA C 312 -15.77 -8.93 20.54
C ALA C 312 -14.80 -8.66 19.37
N PRO C 313 -15.06 -7.62 18.59
CA PRO C 313 -14.24 -7.39 17.38
C PRO C 313 -12.82 -7.09 17.72
N THR C 314 -11.87 -7.73 17.03
CA THR C 314 -10.47 -7.31 17.04
C THR C 314 -10.14 -6.80 15.67
N MET C 315 -9.75 -5.54 15.57
CA MET C 315 -9.62 -4.89 14.27
C MET C 315 -8.18 -4.69 13.90
N LEU C 316 -7.97 -4.55 12.61
CA LEU C 316 -6.71 -4.18 12.07
C LEU C 316 -7.01 -3.30 10.89
N VAL C 317 -6.51 -2.06 10.89
CA VAL C 317 -6.83 -1.09 9.84
C VAL C 317 -5.58 -0.47 9.21
N CYS C 318 -5.59 -0.41 7.89
CA CYS C 318 -4.53 0.19 7.12
C CYS C 318 -5.20 0.95 6.00
N GLY C 319 -5.40 2.25 6.18
CA GLY C 319 -6.05 3.05 5.15
C GLY C 319 -7.48 2.59 5.02
N ASP C 320 -7.92 2.27 3.80
CA ASP C 320 -9.31 1.82 3.64
C ASP C 320 -9.45 0.32 3.71
N ASP C 321 -8.42 -0.40 4.18
CA ASP C 321 -8.44 -1.86 4.25
C ASP C 321 -8.52 -2.28 5.71
N LEU C 322 -9.48 -3.14 6.05
CA LEU C 322 -9.52 -3.66 7.40
C LEU C 322 -9.85 -5.13 7.49
N ILE C 323 -9.55 -5.69 8.65
CA ILE C 323 -9.83 -7.05 8.98
C ILE C 323 -10.45 -7.05 10.34
N VAL C 324 -11.58 -7.73 10.48
CA VAL C 324 -12.17 -7.88 11.78
C VAL C 324 -12.25 -9.33 12.08
N ILE C 325 -11.73 -9.73 13.23
CA ILE C 325 -11.83 -11.08 13.72
C ILE C 325 -12.69 -11.06 14.98
N SER C 326 -13.84 -11.72 14.95
CA SER C 326 -14.85 -11.61 15.98
C SER C 326 -15.26 -12.95 16.49
N GLU C 327 -16.09 -12.98 17.54
CA GLU C 327 -16.76 -14.20 17.98
C GLU C 327 -17.94 -14.43 17.07
N SER C 328 -17.96 -15.59 16.42
CA SER C 328 -19.10 -15.98 15.60
C SER C 328 -20.34 -16.13 16.45
N GLN C 329 -21.48 -15.79 15.85
CA GLN C 329 -22.81 -15.91 16.48
C GLN C 329 -23.63 -16.92 15.67
N GLY C 330 -22.95 -17.96 15.19
CA GLY C 330 -23.52 -18.83 14.21
C GLY C 330 -23.49 -18.19 12.85
N THR C 331 -23.49 -19.01 11.83
CA THR C 331 -23.31 -18.51 10.51
C THR C 331 -24.56 -17.80 10.02
N GLU C 332 -25.74 -18.23 10.47
CA GLU C 332 -26.97 -17.60 9.98
C GLU C 332 -26.95 -16.13 10.46
N GLU C 333 -26.69 -15.92 11.75
CA GLU C 333 -26.53 -14.58 12.28
C GLU C 333 -25.32 -13.86 11.63
N ASP C 334 -24.15 -14.51 11.59
CA ASP C 334 -22.94 -13.92 10.94
C ASP C 334 -23.23 -13.30 9.57
N GLU C 335 -24.07 -13.94 8.75
CA GLU C 335 -24.31 -13.41 7.41
C GLU C 335 -25.15 -12.17 7.59
N ARG C 336 -26.18 -12.27 8.43
CA ARG C 336 -27.08 -11.14 8.66
C ARG C 336 -26.27 -9.90 9.13
N ASN C 337 -25.36 -10.10 10.08
CA ASN C 337 -24.59 -8.99 10.64
C ASN C 337 -23.62 -8.36 9.65
N LEU C 338 -22.95 -9.17 8.84
CA LEU C 338 -22.15 -8.61 7.78
C LEU C 338 -22.95 -7.84 6.75
N ARG C 339 -24.20 -8.22 6.51
CA ARG C 339 -25.04 -7.45 5.59
C ARG C 339 -25.29 -6.10 6.27
N ALA C 340 -25.57 -6.14 7.56
CA ALA C 340 -25.86 -4.93 8.32
C ALA C 340 -24.66 -3.99 8.36
N PHE C 341 -23.49 -4.59 8.65
CA PHE C 341 -22.19 -3.90 8.61
C PHE C 341 -22.05 -3.15 7.29
N THR C 342 -22.38 -3.82 6.20
CA THR C 342 -22.19 -3.22 4.90
C THR C 342 -23.19 -2.10 4.62
N GLU C 343 -24.45 -2.32 5.03
CA GLU C 343 -25.52 -1.29 4.92
C GLU C 343 -25.08 -0.06 5.70
N ALA C 344 -24.63 -0.26 6.95
CA ALA C 344 -24.13 0.83 7.77
C ALA C 344 -22.95 1.55 7.12
N MET C 345 -21.96 0.81 6.62
CA MET C 345 -20.82 1.46 5.98
C MET C 345 -21.27 2.27 4.77
N THR C 346 -22.28 1.75 4.07
CA THR C 346 -22.80 2.46 2.90
C THR C 346 -23.51 3.76 3.32
N ARG C 347 -24.22 3.70 4.44
CA ARG C 347 -24.90 4.86 4.94
C ARG C 347 -23.83 5.90 5.27
N TYR C 348 -22.84 5.54 6.10
CA TYR C 348 -21.68 6.40 6.36
C TYR C 348 -20.85 6.80 5.15
N SER C 349 -21.19 6.37 3.95
CA SER C 349 -20.39 6.71 2.77
C SER C 349 -19.01 5.99 2.67
N ALA C 350 -19.02 4.69 2.88
CA ALA C 350 -17.85 3.88 2.57
C ALA C 350 -18.39 2.58 2.02
N PRO C 351 -18.99 2.64 0.82
CA PRO C 351 -19.60 1.46 0.22
C PRO C 351 -18.53 0.49 -0.28
N PRO C 352 -18.85 -0.81 -0.26
CA PRO C 352 -17.90 -1.89 -0.44
C PRO C 352 -17.53 -2.04 -1.89
N GLY C 353 -16.28 -2.38 -2.17
CA GLY C 353 -15.87 -2.79 -3.51
C GLY C 353 -16.56 -4.12 -3.80
N ASP C 354 -16.14 -5.17 -3.10
CA ASP C 354 -16.83 -6.46 -3.15
C ASP C 354 -17.50 -6.71 -1.83
N PRO C 355 -18.78 -7.00 -1.85
CA PRO C 355 -19.41 -7.09 -0.54
C PRO C 355 -18.75 -8.21 0.25
N PRO C 356 -18.50 -7.97 1.52
CA PRO C 356 -17.74 -8.90 2.34
C PRO C 356 -18.51 -10.17 2.71
N ARG C 357 -17.77 -11.18 3.14
CA ARG C 357 -18.34 -12.46 3.50
C ARG C 357 -17.70 -12.95 4.80
N PRO C 358 -18.49 -13.60 5.67
CA PRO C 358 -17.89 -14.21 6.86
C PRO C 358 -17.03 -15.40 6.46
N GLU C 359 -15.90 -15.57 7.14
CA GLU C 359 -15.01 -16.68 6.89
C GLU C 359 -14.60 -17.28 8.21
N TYR C 360 -14.28 -18.58 8.18
CA TYR C 360 -13.91 -19.29 9.41
C TYR C 360 -12.57 -20.04 9.30
N ASP C 361 -11.69 -19.49 8.45
CA ASP C 361 -10.40 -20.05 8.12
C ASP C 361 -9.54 -18.89 7.69
N LEU C 362 -8.38 -18.78 8.29
CA LEU C 362 -7.61 -17.56 8.21
C LEU C 362 -7.05 -17.36 6.83
N GLU C 363 -6.82 -18.44 6.09
CA GLU C 363 -6.24 -18.32 4.74
C GLU C 363 -7.15 -17.60 3.76
N LEU C 364 -8.46 -17.70 3.95
CA LEU C 364 -9.42 -17.07 3.02
C LEU C 364 -9.67 -15.57 3.22
N ILE C 365 -8.91 -14.89 4.06
CA ILE C 365 -9.10 -13.48 4.32
C ILE C 365 -7.98 -12.71 3.66
N THR C 366 -8.27 -12.05 2.54
CA THR C 366 -7.29 -11.20 1.86
C THR C 366 -7.51 -9.74 2.26
N SER C 367 -6.42 -9.02 2.51
CA SER C 367 -6.43 -7.58 2.77
C SER C 367 -5.09 -6.94 2.39
N CYS C 368 -5.12 -5.71 1.89
CA CYS C 368 -3.89 -5.08 1.31
C CYS C 368 -3.21 -6.03 0.31
N SER C 369 -4.02 -6.70 -0.51
CA SER C 369 -3.57 -7.67 -1.52
C SER C 369 -2.73 -8.83 -0.99
N SER C 370 -2.96 -9.22 0.25
CA SER C 370 -2.20 -10.30 0.83
C SER C 370 -3.01 -11.08 1.85
N ASN C 371 -2.56 -12.29 2.18
CA ASN C 371 -3.24 -13.13 3.16
C ASN C 371 -2.27 -13.98 3.87
N VAL C 372 -2.68 -14.48 5.02
CA VAL C 372 -1.85 -15.39 5.75
C VAL C 372 -2.00 -16.80 5.20
N SER C 373 -0.93 -17.57 5.22
CA SER C 373 -0.99 -18.96 4.78
C SER C 373 -0.10 -19.78 5.68
N VAL C 374 -0.01 -21.06 5.37
CA VAL C 374 0.68 -21.99 6.24
C VAL C 374 1.42 -23.00 5.40
N ALA C 375 2.63 -23.30 5.85
CA ALA C 375 3.36 -24.46 5.38
C ALA C 375 4.07 -25.13 6.56
N LEU C 376 4.77 -26.22 6.30
CA LEU C 376 5.52 -26.96 7.32
C LEU C 376 6.99 -26.59 7.28
N GLY C 377 7.59 -26.57 8.47
CA GLY C 377 8.98 -26.15 8.63
C GLY C 377 9.92 -27.32 8.72
N PRO C 378 11.21 -27.04 9.01
CA PRO C 378 12.22 -28.09 8.95
C PRO C 378 11.84 -29.27 9.83
N ARG C 379 11.51 -28.99 11.09
CA ARG C 379 11.15 -30.04 12.05
C ARG C 379 9.70 -30.59 11.89
N GLY C 380 8.84 -29.90 11.15
CA GLY C 380 7.45 -30.36 10.93
C GLY C 380 6.37 -29.57 11.66
N ARG C 381 6.79 -28.50 12.34
CA ARG C 381 5.85 -27.54 12.93
C ARG C 381 5.15 -26.72 11.81
N ARG C 382 3.92 -26.27 12.08
CA ARG C 382 3.20 -25.41 11.15
C ARG C 382 3.88 -24.05 11.23
N ARG C 383 4.19 -23.45 10.09
CA ARG C 383 4.83 -22.13 10.03
C ARG C 383 3.91 -21.20 9.21
N TYR C 384 3.42 -20.14 9.84
CA TYR C 384 2.46 -19.26 9.23
C TYR C 384 3.25 -18.11 8.64
N TYR C 385 2.86 -17.65 7.45
CA TYR C 385 3.63 -16.61 6.75
C TYR C 385 2.70 -15.79 5.88
N LEU C 386 3.24 -14.75 5.27
CA LEU C 386 2.40 -13.86 4.49
C LEU C 386 2.67 -13.99 3.01
N THR C 387 1.60 -13.97 2.23
CA THR C 387 1.74 -14.16 0.79
C THR C 387 0.62 -13.43 0.01
N ARG C 388 0.62 -13.62 -1.31
CA ARG C 388 -0.31 -12.97 -2.21
C ARG C 388 -0.37 -13.64 -3.54
N ASP C 389 -1.39 -13.29 -4.32
CA ASP C 389 -1.41 -13.68 -5.70
C ASP C 389 -0.16 -13.10 -6.33
N PRO C 390 0.62 -13.95 -6.99
CA PRO C 390 1.84 -13.46 -7.66
C PRO C 390 1.66 -12.79 -8.98
N THR C 391 0.43 -12.70 -9.47
CA THR C 391 0.17 -12.18 -10.81
C THR C 391 0.84 -10.84 -11.04
N THR C 392 0.50 -9.87 -10.21
CA THR C 392 1.11 -8.56 -10.35
C THR C 392 2.65 -8.55 -10.20
N PRO C 393 3.17 -9.17 -9.15
CA PRO C 393 4.63 -9.10 -9.08
C PRO C 393 5.34 -9.71 -10.30
N LEU C 394 4.80 -10.80 -10.84
CA LEU C 394 5.34 -11.36 -12.06
C LEU C 394 5.16 -10.41 -13.22
N ALA C 395 3.98 -9.86 -13.39
CA ALA C 395 3.78 -8.84 -14.42
C ALA C 395 4.83 -7.74 -14.33
N ARG C 396 5.06 -7.24 -13.12
CA ARG C 396 6.02 -6.15 -12.93
C ARG C 396 7.43 -6.64 -13.13
N ALA C 397 7.66 -7.91 -12.85
CA ALA C 397 8.94 -8.51 -13.16
C ALA C 397 9.28 -8.43 -14.64
N ALA C 398 8.27 -8.34 -15.51
CA ALA C 398 8.49 -8.30 -16.95
C ALA C 398 8.29 -6.94 -17.52
N TRP C 399 8.39 -5.91 -16.70
CA TRP C 399 8.19 -4.57 -17.19
C TRP C 399 9.57 -4.00 -17.51
N GLU C 400 10.02 -4.15 -18.75
CA GLU C 400 11.30 -3.58 -19.22
C GLU C 400 11.05 -2.52 -20.24
N THR C 401 11.60 -1.33 -20.03
CA THR C 401 11.56 -0.30 -21.05
C THR C 401 12.93 0.35 -21.17
N VAL C 402 13.07 1.22 -22.15
CA VAL C 402 14.24 2.08 -22.27
C VAL C 402 14.62 2.70 -20.91
N ARG C 403 13.64 3.26 -20.19
CA ARG C 403 13.93 3.98 -18.96
C ARG C 403 14.00 3.03 -17.74
N HIS C 404 13.29 1.90 -17.76
CA HIS C 404 13.07 1.11 -16.53
C HIS C 404 13.58 -0.33 -16.61
N SER C 405 14.25 -0.77 -15.56
CA SER C 405 14.65 -2.15 -15.40
C SER C 405 13.90 -2.79 -14.23
N PRO C 406 13.42 -4.03 -14.39
CA PRO C 406 12.62 -4.65 -13.35
C PRO C 406 13.42 -5.42 -12.29
N ILE C 407 14.75 -5.41 -12.38
CA ILE C 407 15.58 -6.24 -11.52
C ILE C 407 15.33 -5.89 -10.06
N ASN C 408 15.23 -4.60 -9.79
CA ASN C 408 14.97 -4.17 -8.44
C ASN C 408 13.67 -4.70 -7.87
N SER C 409 12.63 -4.79 -8.70
CA SER C 409 11.36 -5.44 -8.29
C SER C 409 11.59 -6.90 -7.89
N TRP C 410 12.41 -7.61 -8.67
CA TRP C 410 12.64 -9.03 -8.38
C TRP C 410 13.20 -9.15 -6.97
N LEU C 411 14.12 -8.26 -6.65
CA LEU C 411 14.84 -8.33 -5.41
C LEU C 411 13.94 -7.94 -4.26
N GLY C 412 13.18 -6.88 -4.46
CA GLY C 412 12.28 -6.43 -3.44
C GLY C 412 11.23 -7.44 -3.09
N ASN C 413 10.83 -8.23 -4.09
CA ASN C 413 9.82 -9.26 -3.90
C ASN C 413 10.49 -10.50 -3.30
N ILE C 414 11.71 -10.77 -3.74
CA ILE C 414 12.45 -11.88 -3.15
C ILE C 414 12.57 -11.71 -1.63
N ILE C 415 12.82 -10.49 -1.18
CA ILE C 415 13.02 -10.24 0.23
C ILE C 415 11.70 -10.23 0.98
N GLN C 416 10.78 -9.39 0.53
CA GLN C 416 9.49 -9.32 1.21
C GLN C 416 8.78 -10.70 1.31
N TYR C 417 8.90 -11.54 0.28
CA TYR C 417 8.14 -12.79 0.23
C TYR C 417 9.00 -14.02 0.08
N ALA C 418 10.26 -13.91 0.51
CA ALA C 418 11.19 -15.04 0.62
C ALA C 418 10.63 -16.41 1.05
N PRO C 419 9.68 -16.47 2.00
CA PRO C 419 9.18 -17.80 2.37
C PRO C 419 8.17 -18.41 1.41
N THR C 420 7.68 -17.63 0.44
CA THR C 420 6.68 -18.12 -0.49
C THR C 420 7.26 -19.06 -1.52
N ILE C 421 6.43 -19.95 -2.00
CA ILE C 421 6.85 -20.93 -2.99
C ILE C 421 7.15 -20.25 -4.29
N TRP C 422 6.41 -19.18 -4.60
CA TRP C 422 6.64 -18.46 -5.87
C TRP C 422 7.90 -17.63 -5.92
N VAL C 423 8.33 -17.11 -4.78
CA VAL C 423 9.58 -16.39 -4.72
C VAL C 423 10.71 -17.38 -4.77
N ARG C 424 10.57 -18.44 -3.99
CA ARG C 424 11.66 -19.41 -3.85
C ARG C 424 11.99 -20.16 -5.14
N MET C 425 10.95 -20.63 -5.82
CA MET C 425 11.13 -21.42 -7.03
C MET C 425 11.29 -20.60 -8.31
N VAL C 426 10.58 -19.49 -8.39
CA VAL C 426 10.53 -18.74 -9.61
C VAL C 426 11.42 -17.53 -9.53
N LEU C 427 11.08 -16.56 -8.68
CA LEU C 427 11.83 -15.32 -8.74
C LEU C 427 13.31 -15.50 -8.39
N MET C 428 13.60 -16.21 -7.31
CA MET C 428 14.98 -16.43 -6.93
C MET C 428 15.73 -17.07 -8.09
N THR C 429 15.14 -18.14 -8.62
CA THR C 429 15.79 -18.86 -9.70
C THR C 429 16.14 -17.91 -10.84
N HIS C 430 15.16 -17.12 -11.27
CA HIS C 430 15.34 -16.23 -12.40
C HIS C 430 16.37 -15.20 -12.06
N PHE C 431 16.25 -14.62 -10.87
CA PHE C 431 17.12 -13.54 -10.43
C PHE C 431 18.58 -13.96 -10.37
N PHE C 432 18.85 -15.13 -9.82
CA PHE C 432 20.22 -15.52 -9.67
C PHE C 432 20.73 -15.92 -11.03
N SER C 433 19.98 -16.77 -11.71
CA SER C 433 20.31 -17.16 -13.06
C SER C 433 20.73 -15.96 -13.96
N ILE C 434 20.06 -14.83 -13.82
CA ILE C 434 20.37 -13.67 -14.65
C ILE C 434 21.68 -13.00 -14.26
N LEU C 435 21.88 -12.83 -12.96
CA LEU C 435 23.06 -12.15 -12.48
C LEU C 435 24.32 -12.99 -12.71
N MET C 436 24.21 -14.32 -12.67
CA MET C 436 25.38 -15.16 -12.88
C MET C 436 25.87 -15.03 -14.31
N VAL C 437 24.95 -15.18 -15.25
CA VAL C 437 25.23 -15.03 -16.67
C VAL C 437 25.80 -13.64 -16.97
N GLN C 438 25.19 -12.59 -16.41
CA GLN C 438 25.73 -11.23 -16.50
C GLN C 438 27.10 -11.14 -15.83
N ASP C 439 27.33 -11.95 -14.80
CA ASP C 439 28.51 -11.85 -13.93
C ASP C 439 28.47 -10.51 -13.14
N THR C 440 27.36 -10.29 -12.44
CA THR C 440 27.14 -9.09 -11.63
C THR C 440 26.59 -9.46 -10.24
N LEU C 441 26.94 -10.64 -9.74
CA LEU C 441 26.54 -11.06 -8.39
C LEU C 441 27.08 -10.13 -7.30
N ASP C 442 28.35 -9.77 -7.40
CA ASP C 442 28.97 -8.84 -6.44
C ASP C 442 28.50 -7.38 -6.62
N GLN C 443 27.55 -7.10 -7.51
CA GLN C 443 27.05 -5.71 -7.72
C GLN C 443 26.02 -5.38 -6.66
N ASN C 444 25.72 -4.09 -6.50
CA ASN C 444 24.71 -3.64 -5.55
C ASN C 444 23.48 -3.11 -6.27
N LEU C 445 22.30 -3.54 -5.83
CA LEU C 445 21.03 -3.11 -6.41
C LEU C 445 20.19 -2.47 -5.34
N GLY C 446 19.66 -1.28 -5.60
CA GLY C 446 18.87 -0.55 -4.61
C GLY C 446 19.48 -0.69 -3.24
N GLY C 447 20.78 -0.37 -3.15
CA GLY C 447 21.60 -0.63 -1.96
C GLY C 447 21.30 -1.94 -1.25
N VAL C 448 21.53 -3.06 -1.93
CA VAL C 448 21.49 -4.38 -1.31
C VAL C 448 22.43 -5.27 -2.11
N ASN C 449 23.20 -6.12 -1.44
CA ASN C 449 24.07 -7.03 -2.15
C ASN C 449 23.44 -8.39 -2.29
N PRO C 450 23.16 -8.81 -3.52
CA PRO C 450 22.57 -10.10 -3.78
C PRO C 450 23.18 -11.17 -2.94
N LEU C 451 24.48 -11.10 -2.73
CA LEU C 451 25.18 -12.15 -1.99
C LEU C 451 24.89 -12.16 -0.48
N ASP C 452 24.41 -11.02 0.05
CA ASP C 452 23.88 -10.92 1.42
C ASP C 452 22.54 -11.61 1.65
N LEU C 453 21.83 -11.96 0.58
CA LEU C 453 20.42 -12.35 0.70
C LEU C 453 20.15 -13.37 1.79
N PRO C 454 20.97 -14.41 1.90
CA PRO C 454 20.63 -15.39 2.93
C PRO C 454 20.59 -14.77 4.33
N ALA C 455 21.57 -13.94 4.63
CA ALA C 455 21.59 -13.24 5.90
C ALA C 455 20.36 -12.38 6.02
N ILE C 456 20.13 -11.57 5.00
CA ILE C 456 19.02 -10.61 5.02
C ILE C 456 17.70 -11.32 5.28
N ILE C 457 17.54 -12.44 4.59
CA ILE C 457 16.36 -13.27 4.71
C ILE C 457 16.27 -13.95 6.06
N GLU C 458 17.40 -14.45 6.58
CA GLU C 458 17.39 -14.92 7.97
C GLU C 458 17.00 -13.85 9.00
N ARG C 459 17.62 -12.66 8.97
CA ARG C 459 17.23 -11.60 9.91
C ARG C 459 15.71 -11.36 9.83
N LEU C 460 15.15 -11.35 8.62
CA LEU C 460 13.78 -10.88 8.45
C LEU C 460 12.70 -11.95 8.54
N HIS C 461 13.00 -13.20 8.18
CA HIS C 461 11.98 -14.24 8.10
C HIS C 461 12.27 -15.49 8.88
N GLY C 462 13.41 -15.55 9.53
CA GLY C 462 13.82 -16.76 10.20
C GLY C 462 14.40 -17.81 9.28
N LEU C 463 15.36 -18.55 9.82
CA LEU C 463 15.99 -19.65 9.12
C LEU C 463 14.97 -20.63 8.49
N ASP C 464 13.75 -20.64 9.03
CA ASP C 464 12.66 -21.48 8.51
C ASP C 464 12.33 -21.26 7.04
N ALA C 465 12.58 -20.05 6.56
CA ALA C 465 12.32 -19.66 5.19
C ALA C 465 13.12 -20.42 4.13
N PHE C 466 14.12 -21.18 4.58
CA PHE C 466 14.97 -21.93 3.67
C PHE C 466 14.59 -23.39 3.56
N SER C 467 13.75 -23.87 4.47
CA SER C 467 13.42 -25.29 4.57
C SER C 467 11.93 -25.57 4.51
N MET C 468 11.11 -24.57 4.23
CA MET C 468 9.67 -24.77 4.29
C MET C 468 9.17 -25.67 3.18
N HIS C 469 8.15 -26.45 3.46
CA HIS C 469 7.68 -27.42 2.51
C HIS C 469 6.19 -27.70 2.74
N THR C 470 5.56 -28.38 1.77
CA THR C 470 4.17 -28.80 1.86
C THR C 470 3.30 -27.56 1.97
N TYR C 471 3.38 -26.76 0.92
CA TYR C 471 2.56 -25.58 0.78
C TYR C 471 1.09 -25.94 0.59
N SER C 472 0.21 -24.97 0.84
CA SER C 472 -1.22 -25.25 0.89
C SER C 472 -1.78 -25.46 -0.51
N HIS C 473 -2.95 -26.07 -0.59
CA HIS C 473 -3.63 -26.22 -1.86
C HIS C 473 -3.90 -24.88 -2.48
N HIS C 474 -4.47 -23.95 -1.69
CA HIS C 474 -4.72 -22.60 -2.20
C HIS C 474 -3.50 -22.01 -2.83
N GLU C 475 -2.37 -22.12 -2.14
CA GLU C 475 -1.21 -21.42 -2.57
C GLU C 475 -0.63 -22.04 -3.83
N LEU C 476 -0.57 -23.38 -3.84
CA LEU C 476 -0.13 -24.12 -5.04
C LEU C 476 -1.02 -23.82 -6.23
N THR C 477 -2.32 -23.87 -6.03
CA THR C 477 -3.23 -23.64 -7.14
C THR C 477 -2.99 -22.28 -7.75
N ARG C 478 -2.92 -21.29 -6.87
CA ARG C 478 -2.84 -19.90 -7.28
C ARG C 478 -1.51 -19.63 -8.00
N VAL C 479 -0.43 -20.24 -7.53
CA VAL C 479 0.86 -20.02 -8.19
C VAL C 479 0.86 -20.64 -9.58
N ALA C 480 0.45 -21.89 -9.65
CA ALA C 480 0.33 -22.63 -10.89
C ALA C 480 -0.48 -21.84 -11.88
N SER C 481 -1.59 -21.34 -11.39
CA SER C 481 -2.53 -20.64 -12.21
C SER C 481 -1.96 -19.30 -12.68
N ALA C 482 -1.13 -18.65 -11.87
CA ALA C 482 -0.55 -17.37 -12.30
C ALA C 482 0.53 -17.54 -13.35
N LEU C 483 1.27 -18.64 -13.30
CA LEU C 483 2.33 -18.89 -14.25
C LEU C 483 1.77 -19.22 -15.63
N ARG C 484 0.72 -20.04 -15.62
CA ARG C 484 -0.04 -20.40 -16.82
C ARG C 484 -0.64 -19.13 -17.43
N LYS C 485 -1.24 -18.30 -16.59
CA LYS C 485 -1.82 -17.04 -17.01
C LYS C 485 -0.79 -16.12 -17.67
N LEU C 486 0.46 -16.09 -17.17
CA LEU C 486 1.50 -15.26 -17.76
C LEU C 486 2.43 -15.94 -18.78
N GLY C 487 2.24 -17.22 -19.04
CA GLY C 487 3.04 -17.89 -20.01
C GLY C 487 4.42 -18.21 -19.48
N ALA C 488 4.48 -18.57 -18.20
CA ALA C 488 5.74 -18.88 -17.58
C ALA C 488 5.89 -20.38 -17.57
N PRO C 489 7.13 -20.86 -17.38
CA PRO C 489 7.22 -22.28 -17.19
C PRO C 489 6.45 -22.68 -16.00
N PRO C 490 5.97 -23.93 -15.97
CA PRO C 490 5.35 -24.46 -14.75
C PRO C 490 6.43 -24.78 -13.71
N LEU C 491 6.02 -24.98 -12.47
CA LEU C 491 6.95 -25.14 -11.40
C LEU C 491 8.01 -26.20 -11.64
N ARG C 492 7.64 -27.34 -12.23
CA ARG C 492 8.64 -28.43 -12.49
C ARG C 492 9.85 -27.95 -13.29
N VAL C 493 9.62 -27.09 -14.26
CA VAL C 493 10.73 -26.53 -15.01
C VAL C 493 11.62 -25.67 -14.08
N TRP C 494 10.97 -24.89 -13.22
CA TRP C 494 11.72 -24.05 -12.32
C TRP C 494 12.55 -24.92 -11.38
N LYS C 495 12.03 -26.09 -10.99
CA LYS C 495 12.85 -27.09 -10.25
C LYS C 495 14.17 -27.34 -10.97
N SER C 496 14.12 -27.66 -12.28
CA SER C 496 15.32 -27.90 -13.09
C SER C 496 16.25 -26.72 -13.05
N ARG C 497 15.72 -25.56 -13.44
CA ARG C 497 16.55 -24.36 -13.53
C ARG C 497 17.24 -24.05 -12.21
N ALA C 498 16.53 -24.33 -11.11
CA ALA C 498 17.08 -24.14 -9.78
C ALA C 498 18.30 -25.01 -9.53
N ARG C 499 18.20 -26.31 -9.82
CA ARG C 499 19.31 -27.25 -9.63
C ARG C 499 20.55 -26.76 -10.36
N ALA C 500 20.34 -26.32 -11.59
CA ALA C 500 21.42 -25.80 -12.42
C ALA C 500 22.04 -24.55 -11.84
N VAL C 501 21.21 -23.61 -11.46
CA VAL C 501 21.71 -22.38 -10.86
C VAL C 501 22.47 -22.73 -9.59
N ARG C 502 21.95 -23.72 -8.88
CA ARG C 502 22.44 -24.09 -7.56
C ARG C 502 23.86 -24.56 -7.68
N ALA C 503 24.07 -25.57 -8.53
CA ALA C 503 25.40 -26.17 -8.74
C ALA C 503 26.34 -25.12 -9.27
N SER C 504 25.85 -24.35 -10.21
CA SER C 504 26.63 -23.24 -10.74
C SER C 504 27.00 -22.21 -9.64
N LEU C 505 26.16 -22.03 -8.63
CA LEU C 505 26.50 -21.12 -7.52
C LEU C 505 27.50 -21.73 -6.53
N ILE C 506 27.34 -23.02 -6.29
CA ILE C 506 28.19 -23.74 -5.32
C ILE C 506 29.63 -23.82 -5.82
N SER C 507 29.78 -24.19 -7.09
CA SER C 507 31.06 -24.19 -7.76
C SER C 507 31.80 -22.85 -7.75
N ARG C 508 31.12 -21.75 -7.48
CA ARG C 508 31.84 -20.47 -7.36
C ARG C 508 32.43 -20.23 -5.97
N GLY C 509 31.97 -21.00 -4.99
CA GLY C 509 32.38 -20.78 -3.61
C GLY C 509 32.09 -19.36 -3.12
N GLY C 510 32.69 -18.99 -2.01
CA GLY C 510 32.50 -17.68 -1.42
C GLY C 510 31.07 -17.60 -0.92
N LYS C 511 30.54 -16.39 -0.89
CA LYS C 511 29.16 -16.17 -0.43
C LYS C 511 28.18 -16.76 -1.47
N ALA C 512 28.53 -16.62 -2.75
CA ALA C 512 27.75 -17.24 -3.83
C ALA C 512 27.37 -18.68 -3.52
N ALA C 513 28.28 -19.45 -2.97
CA ALA C 513 27.98 -20.85 -2.67
C ALA C 513 27.03 -20.96 -1.47
N VAL C 514 27.14 -20.05 -0.53
CA VAL C 514 26.20 -20.01 0.59
C VAL C 514 24.80 -19.75 0.03
N CYS C 515 24.70 -18.74 -0.83
CA CYS C 515 23.47 -18.49 -1.55
C CYS C 515 22.94 -19.76 -2.16
N GLY C 516 23.80 -20.47 -2.88
CA GLY C 516 23.37 -21.67 -3.60
C GLY C 516 22.86 -22.74 -2.67
N ARG C 517 23.49 -22.84 -1.52
CA ARG C 517 23.22 -23.90 -0.58
C ARG C 517 21.94 -23.62 0.21
N TYR C 518 21.77 -22.39 0.67
CA TYR C 518 20.59 -21.96 1.47
C TYR C 518 19.32 -21.66 0.66
N LEU C 519 19.46 -20.77 -0.31
CA LEU C 519 18.32 -20.30 -1.06
C LEU C 519 17.75 -21.41 -1.92
N PHE C 520 18.51 -22.46 -2.20
CA PHE C 520 18.03 -23.51 -3.13
C PHE C 520 18.01 -24.95 -2.59
N ASN C 521 18.15 -25.09 -1.29
CA ASN C 521 18.12 -26.42 -0.70
C ASN C 521 16.82 -27.16 -0.98
N TRP C 522 15.76 -26.44 -1.28
CA TRP C 522 14.52 -27.06 -1.70
C TRP C 522 14.65 -27.80 -3.02
N ALA C 523 15.66 -27.45 -3.80
CA ALA C 523 15.74 -27.97 -5.16
C ALA C 523 16.45 -29.31 -5.23
N VAL C 524 17.02 -29.76 -4.11
CA VAL C 524 17.79 -30.99 -4.06
C VAL C 524 17.11 -32.09 -3.23
N LYS C 525 17.31 -33.35 -3.63
CA LYS C 525 16.92 -34.51 -2.83
C LYS C 525 17.92 -34.71 -1.68
N THR C 526 19.20 -34.45 -1.93
CA THR C 526 20.25 -34.48 -0.92
C THR C 526 20.22 -33.22 -0.02
N LYS C 527 19.13 -33.04 0.74
CA LYS C 527 18.89 -31.77 1.48
C LYS C 527 19.83 -31.62 2.67
N LEU C 528 20.65 -30.55 2.66
CA LEU C 528 21.68 -30.30 3.69
C LEU C 528 21.13 -29.72 5.02
N LYS C 529 21.84 -29.92 6.12
CA LYS C 529 21.44 -29.38 7.43
C LYS C 529 21.97 -27.94 7.59
N LEU C 530 21.06 -26.95 7.57
CA LEU C 530 21.44 -25.53 7.50
C LEU C 530 21.51 -24.85 8.87
N THR C 531 22.66 -24.28 9.17
CA THR C 531 22.93 -23.67 10.48
C THR C 531 22.78 -22.13 10.44
N PRO C 532 22.48 -21.51 11.59
CA PRO C 532 22.38 -20.03 11.56
C PRO C 532 23.63 -19.28 11.03
N LEU C 533 23.41 -18.06 10.56
CA LEU C 533 24.42 -17.31 9.84
C LEU C 533 24.93 -16.14 10.67
N PRO C 534 26.26 -16.10 10.92
CA PRO C 534 26.85 -14.97 11.65
C PRO C 534 26.24 -13.61 11.25
N GLU C 535 26.29 -13.28 9.95
CA GLU C 535 25.89 -11.95 9.47
C GLU C 535 24.35 -11.75 9.42
#